data_1RHU
#
_entry.id   1RHU
#
_cell.length_a   69.500
_cell.length_b   98.000
_cell.length_c   44.000
_cell.angle_alpha   90.00
_cell.angle_beta   90.00
_cell.angle_gamma   90.00
#
_symmetry.space_group_name_H-M   'P 21 21 2'
#
loop_
_entity.id
_entity.type
_entity.pdbx_description
1 polymer Caspase-3
2 polymer Caspase-3
3 non-polymer '(3S)-3-[({(2S)-5-[(N-ACETYL-L-ALPHA-ASPARTYL)AMINO]-4-OXO-1,2,4,5,6,7-HEXAHYDROAZEPINO[3,2,1-HI]INDOL-2-YL}CARBONYL)AMINO]-5-(BENZYLSULFANYL)-4-OXOPENTANOIC ACID'
4 water water
#
loop_
_entity_poly.entity_id
_entity_poly.type
_entity_poly.pdbx_seq_one_letter_code
_entity_poly.pdbx_strand_id
1 'polypeptide(L)'
;SGISLDNSYKMDYPEMGLCIIINNKNFHKSTGMTSRSGTDVDAANLRETFRNLKYEVRNKNDLTREEIVELMRDVSKEDH
SKRSSFVCVLLSHGEEGIIFGTNGPVDLKKITNFFRGDRCRSLTGKPKLFIIQACRGTELDCGIETD
;
A
2 'polypeptide(L)'
;SGVDDDMACHKIPVEADFLYAYSTAPGYYSWRNSKDGSWFIQSLCAMLKQYADKLEFMHILTRVNRKVATEFESFSFDAT
FHAKKQIPCIVSMLTKELYFYH
;
B
#
loop_
_chem_comp.id
_chem_comp.type
_chem_comp.name
_chem_comp.formula
3CY non-polymer '(3S)-3-[({(2S)-5-[(N-ACETYL-L-ALPHA-ASPARTYL)AMINO]-4-OXO-1,2,4,5,6,7-HEXAHYDROAZEPINO[3,2,1-HI]INDOL-2-YL}CARBONYL)AMINO]-5-(BENZYLSULFANYL)-4-OXOPENTANOIC ACID' 'C31 H34 N4 O9 S'
#
# COMPACT_ATOMS: atom_id res chain seq x y z
N ASP A 6 -17.04 -20.30 -8.69
CA ASP A 6 -16.98 -18.90 -8.20
C ASP A 6 -15.84 -18.10 -8.82
N ASN A 7 -16.15 -16.85 -9.16
CA ASN A 7 -15.18 -15.95 -9.78
C ASN A 7 -14.88 -14.77 -8.87
N SER A 8 -15.12 -14.94 -7.58
CA SER A 8 -14.87 -13.89 -6.59
C SER A 8 -14.51 -14.55 -5.27
N TYR A 9 -13.55 -13.96 -4.56
CA TYR A 9 -13.10 -14.49 -3.28
C TYR A 9 -14.22 -14.60 -2.25
N LYS A 10 -14.05 -15.53 -1.32
CA LYS A 10 -15.01 -15.74 -0.24
C LYS A 10 -14.71 -14.74 0.86
N MET A 11 -15.58 -13.75 1.03
CA MET A 11 -15.37 -12.72 2.05
C MET A 11 -16.33 -12.87 3.22
N ASP A 12 -16.87 -14.06 3.39
CA ASP A 12 -17.81 -14.29 4.48
C ASP A 12 -17.22 -15.08 5.63
N TYR A 13 -15.91 -14.99 5.84
CA TYR A 13 -15.30 -15.69 6.96
C TYR A 13 -15.70 -14.91 8.21
N PRO A 14 -15.59 -15.52 9.40
CA PRO A 14 -15.97 -14.77 10.59
C PRO A 14 -15.28 -13.40 10.74
N GLU A 15 -14.06 -13.31 10.22
CA GLU A 15 -13.28 -12.07 10.29
C GLU A 15 -12.77 -11.60 8.93
N MET A 16 -13.00 -10.33 8.62
CA MET A 16 -12.57 -9.75 7.35
C MET A 16 -11.07 -9.93 7.15
N GLY A 17 -10.32 -9.78 8.24
CA GLY A 17 -8.89 -9.95 8.14
C GLY A 17 -8.08 -8.87 8.84
N LEU A 18 -6.77 -9.05 8.84
CA LEU A 18 -5.87 -8.11 9.48
C LEU A 18 -5.35 -7.03 8.52
N CYS A 19 -5.09 -5.84 9.04
CA CYS A 19 -4.59 -4.73 8.23
C CYS A 19 -3.48 -3.97 8.94
N ILE A 20 -2.24 -4.24 8.55
CA ILE A 20 -1.10 -3.58 9.18
C ILE A 20 -0.74 -2.32 8.42
N ILE A 21 -0.55 -1.22 9.15
CA ILE A 21 -0.15 0.04 8.54
C ILE A 21 1.21 0.41 9.15
N ILE A 22 2.23 0.48 8.33
CA ILE A 22 3.55 0.85 8.80
C ILE A 22 3.79 2.28 8.34
N ASN A 23 3.74 3.20 9.28
CA ASN A 23 3.89 4.62 9.00
C ASN A 23 5.25 5.21 9.40
N ASN A 24 6.17 5.30 8.45
CA ASN A 24 7.50 5.85 8.71
C ASN A 24 7.57 7.33 8.35
N LYS A 25 7.77 8.15 9.37
CA LYS A 25 7.82 9.59 9.19
C LYS A 25 9.19 10.23 9.44
N ASN A 26 9.96 9.65 10.35
CA ASN A 26 11.27 10.20 10.69
C ASN A 26 12.39 9.22 10.41
N PHE A 27 13.47 9.72 9.83
CA PHE A 27 14.61 8.88 9.45
C PHE A 27 15.96 9.35 10.02
N HIS A 28 16.81 8.38 10.34
CA HIS A 28 18.15 8.64 10.87
C HIS A 28 18.98 9.44 9.86
N LYS A 29 19.80 10.34 10.37
CA LYS A 29 20.65 11.17 9.50
C LYS A 29 21.45 10.31 8.54
N SER A 30 21.83 9.12 9.00
CA SER A 30 22.61 8.20 8.18
C SER A 30 21.94 7.90 6.83
N THR A 31 20.62 7.72 6.85
CA THR A 31 19.88 7.42 5.64
C THR A 31 19.91 8.58 4.64
N GLY A 32 19.78 9.80 5.15
CA GLY A 32 19.79 10.97 4.29
C GLY A 32 18.41 11.30 3.73
N MET A 33 17.37 10.67 4.29
CA MET A 33 16.00 10.89 3.85
C MET A 33 15.35 12.01 4.66
N THR A 34 14.58 12.86 3.98
CA THR A 34 13.89 13.97 4.64
C THR A 34 12.67 13.46 5.40
N SER A 35 12.21 14.25 6.38
CA SER A 35 11.06 13.87 7.18
C SER A 35 9.83 13.77 6.27
N ARG A 36 9.00 12.76 6.47
CA ARG A 36 7.82 12.58 5.62
C ARG A 36 6.55 13.25 6.17
N SER A 37 6.50 14.57 6.02
CA SER A 37 5.38 15.38 6.50
C SER A 37 4.08 15.06 5.78
N GLY A 38 3.02 14.86 6.56
CA GLY A 38 1.71 14.56 6.02
C GLY A 38 1.37 13.08 6.08
N THR A 39 2.36 12.24 6.35
CA THR A 39 2.14 10.81 6.41
C THR A 39 1.15 10.38 7.50
N ASP A 40 1.05 11.18 8.56
CA ASP A 40 0.15 10.91 9.67
C ASP A 40 -1.29 11.02 9.23
N VAL A 41 -1.56 11.98 8.36
CA VAL A 41 -2.90 12.15 7.83
C VAL A 41 -3.26 10.83 7.13
N ASP A 42 -2.37 10.33 6.28
CA ASP A 42 -2.65 9.08 5.58
C ASP A 42 -2.91 7.98 6.59
N ALA A 43 -2.01 7.83 7.56
CA ALA A 43 -2.15 6.79 8.56
C ALA A 43 -3.50 6.84 9.25
N ALA A 44 -3.94 8.06 9.61
CA ALA A 44 -5.23 8.26 10.28
C ALA A 44 -6.37 7.95 9.33
N ASN A 45 -6.25 8.45 8.11
CA ASN A 45 -7.24 8.25 7.07
C ASN A 45 -7.43 6.73 6.82
N LEU A 46 -6.32 6.06 6.52
CA LEU A 46 -6.31 4.63 6.26
C LEU A 46 -6.92 3.85 7.41
N ARG A 47 -6.52 4.18 8.62
CA ARG A 47 -7.02 3.49 9.79
C ARG A 47 -8.55 3.51 9.83
N GLU A 48 -9.12 4.70 9.68
CA GLU A 48 -10.57 4.88 9.70
C GLU A 48 -11.29 4.16 8.56
N THR A 49 -10.69 4.22 7.38
CA THR A 49 -11.26 3.58 6.20
C THR A 49 -11.35 2.06 6.34
N PHE A 50 -10.29 1.45 6.86
CA PHE A 50 -10.32 0.01 7.00
C PHE A 50 -11.09 -0.49 8.22
N ARG A 51 -11.34 0.40 9.17
CA ARG A 51 -12.12 0.02 10.35
C ARG A 51 -13.55 -0.11 9.87
N ASN A 52 -13.98 0.81 9.01
CA ASN A 52 -15.34 0.75 8.48
C ASN A 52 -15.53 -0.44 7.57
N LEU A 53 -14.41 -1.01 7.09
CA LEU A 53 -14.51 -2.17 6.23
C LEU A 53 -14.44 -3.44 7.07
N LYS A 54 -14.36 -3.27 8.40
CA LYS A 54 -14.31 -4.37 9.36
C LYS A 54 -12.97 -5.07 9.44
N TYR A 55 -11.90 -4.33 9.17
CA TYR A 55 -10.57 -4.91 9.27
C TYR A 55 -10.03 -4.60 10.65
N GLU A 56 -9.23 -5.51 11.18
CA GLU A 56 -8.61 -5.28 12.48
C GLU A 56 -7.34 -4.50 12.13
N VAL A 57 -7.37 -3.19 12.35
CA VAL A 57 -6.23 -2.34 12.04
C VAL A 57 -5.19 -2.23 13.15
N ARG A 58 -3.93 -2.27 12.77
CA ARG A 58 -2.82 -2.12 13.73
C ARG A 58 -1.85 -1.12 13.13
N ASN A 59 -1.73 0.06 13.74
CA ASN A 59 -0.82 1.08 13.24
C ASN A 59 0.53 1.01 13.91
N LYS A 60 1.57 1.20 13.11
CA LYS A 60 2.95 1.18 13.61
C LYS A 60 3.66 2.37 13.04
N ASN A 61 4.40 3.08 13.89
CA ASN A 61 5.13 4.26 13.42
C ASN A 61 6.63 4.10 13.59
N ASP A 62 7.37 4.77 12.72
CA ASP A 62 8.82 4.78 12.72
C ASP A 62 9.50 3.47 13.12
N LEU A 63 9.48 2.49 12.22
CA LEU A 63 10.10 1.20 12.48
C LEU A 63 11.41 1.05 11.70
N THR A 64 12.36 0.33 12.28
CA THR A 64 13.63 0.10 11.61
C THR A 64 13.40 -1.07 10.65
N ARG A 65 14.30 -1.25 9.68
CA ARG A 65 14.13 -2.33 8.74
C ARG A 65 14.08 -3.66 9.48
N GLU A 66 14.79 -3.74 10.60
CA GLU A 66 14.80 -4.96 11.39
C GLU A 66 13.40 -5.23 11.96
N GLU A 67 12.80 -4.19 12.54
CA GLU A 67 11.48 -4.29 13.14
C GLU A 67 10.41 -4.67 12.14
N ILE A 68 10.51 -4.09 10.94
CA ILE A 68 9.56 -4.37 9.88
C ILE A 68 9.59 -5.86 9.52
N VAL A 69 10.80 -6.39 9.31
CA VAL A 69 10.95 -7.80 8.96
C VAL A 69 10.43 -8.72 10.06
N GLU A 70 10.77 -8.38 11.30
CA GLU A 70 10.36 -9.16 12.46
C GLU A 70 8.84 -9.16 12.58
N LEU A 71 8.26 -7.97 12.42
CA LEU A 71 6.82 -7.82 12.50
C LEU A 71 6.09 -8.66 11.46
N MET A 72 6.54 -8.57 10.22
CA MET A 72 5.94 -9.33 9.14
C MET A 72 6.06 -10.81 9.45
N ARG A 73 7.26 -11.23 9.87
CA ARG A 73 7.51 -12.61 10.22
C ARG A 73 6.49 -13.04 11.26
N ASP A 74 6.35 -12.23 12.30
CA ASP A 74 5.39 -12.53 13.36
C ASP A 74 3.97 -12.59 12.85
N VAL A 75 3.61 -11.63 12.00
CA VAL A 75 2.26 -11.60 11.45
C VAL A 75 2.00 -12.79 10.54
N SER A 76 3.04 -13.22 9.81
CA SER A 76 2.88 -14.36 8.91
C SER A 76 2.68 -15.63 9.72
N LYS A 77 3.13 -15.61 10.97
CA LYS A 77 2.99 -16.79 11.83
C LYS A 77 1.67 -16.86 12.59
N GLU A 78 0.90 -15.78 12.61
CA GLU A 78 -0.40 -15.80 13.28
C GLU A 78 -1.27 -16.77 12.49
N ASP A 79 -2.38 -17.20 13.09
CA ASP A 79 -3.30 -18.10 12.40
C ASP A 79 -4.41 -17.29 11.76
N HIS A 80 -4.52 -17.37 10.44
CA HIS A 80 -5.52 -16.61 9.71
C HIS A 80 -6.71 -17.43 9.22
N SER A 81 -6.84 -18.65 9.72
CA SER A 81 -7.94 -19.53 9.30
C SER A 81 -9.34 -18.90 9.35
N LYS A 82 -9.62 -18.07 10.35
CA LYS A 82 -10.93 -17.43 10.43
C LYS A 82 -10.96 -16.09 9.71
N ARG A 83 -9.85 -15.73 9.08
CA ARG A 83 -9.78 -14.47 8.36
C ARG A 83 -9.95 -14.62 6.85
N SER A 84 -10.59 -13.62 6.23
CA SER A 84 -10.84 -13.64 4.79
C SER A 84 -9.65 -13.18 3.95
N SER A 85 -8.97 -12.13 4.41
CA SER A 85 -7.84 -11.58 3.67
C SER A 85 -6.76 -10.99 4.56
N PHE A 86 -5.79 -10.33 3.93
CA PHE A 86 -4.69 -9.68 4.63
C PHE A 86 -4.32 -8.41 3.88
N VAL A 87 -4.17 -7.32 4.62
CA VAL A 87 -3.84 -6.05 4.00
C VAL A 87 -2.68 -5.41 4.73
N CYS A 88 -1.67 -4.99 3.99
CA CYS A 88 -0.51 -4.35 4.58
C CYS A 88 -0.21 -3.05 3.86
N VAL A 89 -0.26 -1.94 4.57
CA VAL A 89 0.01 -0.64 3.97
C VAL A 89 1.38 -0.16 4.39
N LEU A 90 2.19 0.20 3.41
CA LEU A 90 3.53 0.67 3.69
C LEU A 90 3.65 2.14 3.30
N LEU A 91 3.87 2.98 4.30
CA LEU A 91 4.03 4.41 4.11
C LEU A 91 5.47 4.73 4.44
N SER A 92 6.25 5.09 3.43
CA SER A 92 7.66 5.41 3.64
C SER A 92 8.36 5.85 2.36
N HIS A 93 9.69 5.91 2.43
CA HIS A 93 10.51 6.27 1.28
C HIS A 93 10.87 4.95 0.58
N GLY A 94 11.45 5.05 -0.60
CA GLY A 94 11.86 3.86 -1.31
C GLY A 94 12.43 4.14 -2.67
N GLU A 95 12.82 3.07 -3.36
CA GLU A 95 13.36 3.12 -4.72
C GLU A 95 12.78 1.86 -5.32
N GLU A 96 12.99 1.63 -6.60
CA GLU A 96 12.43 0.43 -7.21
C GLU A 96 12.74 -0.81 -6.38
N GLY A 97 11.70 -1.59 -6.11
CA GLY A 97 11.82 -2.81 -5.35
C GLY A 97 12.28 -2.73 -3.90
N ILE A 98 12.30 -1.52 -3.35
CA ILE A 98 12.75 -1.34 -1.96
C ILE A 98 11.92 -0.33 -1.18
N ILE A 99 11.83 -0.53 0.13
CA ILE A 99 11.13 0.40 0.99
C ILE A 99 12.02 0.64 2.20
N PHE A 100 12.03 1.87 2.71
CA PHE A 100 12.89 2.23 3.84
C PHE A 100 12.35 2.11 5.25
N GLY A 101 13.19 1.58 6.13
CA GLY A 101 12.84 1.50 7.52
C GLY A 101 13.50 2.80 7.98
N THR A 102 13.18 3.26 9.19
CA THR A 102 13.76 4.49 9.70
C THR A 102 15.29 4.45 9.67
N ASN A 103 15.86 3.25 9.73
CA ASN A 103 17.32 3.12 9.75
C ASN A 103 17.97 2.57 8.48
N GLY A 104 17.25 2.52 7.37
CA GLY A 104 17.86 2.00 6.15
C GLY A 104 16.96 1.14 5.29
N PRO A 105 17.37 0.88 4.04
CA PRO A 105 16.64 0.06 3.06
C PRO A 105 16.43 -1.42 3.37
N VAL A 106 15.28 -1.93 2.94
CA VAL A 106 14.95 -3.33 3.11
C VAL A 106 14.27 -3.76 1.80
N ASP A 107 14.67 -4.91 1.27
CA ASP A 107 14.10 -5.39 0.02
C ASP A 107 12.64 -5.75 0.17
N LEU A 108 11.82 -5.30 -0.76
CA LEU A 108 10.39 -5.56 -0.74
C LEU A 108 10.10 -7.07 -0.84
N LYS A 109 10.98 -7.80 -1.53
CA LYS A 109 10.84 -9.24 -1.69
C LYS A 109 10.89 -9.95 -0.35
N LYS A 110 11.76 -9.48 0.53
CA LYS A 110 11.92 -10.09 1.84
C LYS A 110 10.67 -9.98 2.72
N ILE A 111 9.89 -8.93 2.55
CA ILE A 111 8.69 -8.73 3.35
C ILE A 111 7.51 -9.60 2.89
N THR A 112 7.25 -9.61 1.60
CA THR A 112 6.13 -10.39 1.05
C THR A 112 6.36 -11.90 1.04
N ASN A 113 7.60 -12.32 0.87
CA ASN A 113 7.93 -13.75 0.85
C ASN A 113 7.34 -14.53 2.03
N PHE A 114 7.12 -13.86 3.15
CA PHE A 114 6.57 -14.54 4.33
C PHE A 114 5.14 -14.97 4.08
N PHE A 115 4.48 -14.31 3.14
CA PHE A 115 3.09 -14.59 2.84
C PHE A 115 2.83 -15.45 1.62
N ARG A 116 3.87 -16.04 1.07
CA ARG A 116 3.71 -16.91 -0.07
C ARG A 116 2.81 -18.07 0.31
N GLY A 117 2.18 -18.67 -0.70
CA GLY A 117 1.28 -19.79 -0.47
C GLY A 117 1.81 -20.89 0.42
N ASP A 118 3.09 -21.25 0.24
CA ASP A 118 3.73 -22.31 1.00
C ASP A 118 4.39 -21.87 2.32
N ARG A 119 4.38 -20.57 2.60
CA ARG A 119 4.98 -20.05 3.83
C ARG A 119 3.91 -19.73 4.88
N CYS A 120 2.79 -19.17 4.44
CA CYS A 120 1.70 -18.81 5.34
C CYS A 120 0.44 -19.58 4.95
N ARG A 121 0.42 -20.87 5.28
CA ARG A 121 -0.68 -21.78 4.96
C ARG A 121 -2.12 -21.35 5.21
N SER A 122 -2.36 -20.59 6.28
CA SER A 122 -3.72 -20.15 6.58
C SER A 122 -4.23 -19.03 5.67
N LEU A 123 -3.35 -18.49 4.83
CA LEU A 123 -3.74 -17.45 3.90
C LEU A 123 -3.78 -17.98 2.48
N THR A 124 -3.41 -19.25 2.30
CA THR A 124 -3.42 -19.86 0.96
C THR A 124 -4.80 -19.75 0.34
N GLY A 125 -4.86 -19.28 -0.89
CA GLY A 125 -6.14 -19.14 -1.57
C GLY A 125 -6.92 -17.91 -1.14
N LYS A 126 -6.31 -17.06 -0.31
CA LYS A 126 -6.97 -15.85 0.17
C LYS A 126 -6.20 -14.63 -0.34
N PRO A 127 -6.93 -13.54 -0.65
CA PRO A 127 -6.29 -12.33 -1.16
C PRO A 127 -5.35 -11.60 -0.19
N LYS A 128 -4.13 -11.36 -0.64
CA LYS A 128 -3.13 -10.66 0.14
C LYS A 128 -2.83 -9.34 -0.56
N LEU A 129 -3.31 -8.24 0.01
CA LEU A 129 -3.14 -6.92 -0.58
C LEU A 129 -2.04 -6.09 0.07
N PHE A 130 -1.14 -5.57 -0.76
CA PHE A 130 -0.05 -4.71 -0.30
C PHE A 130 -0.21 -3.35 -0.97
N ILE A 131 -0.40 -2.31 -0.15
CA ILE A 131 -0.55 -0.95 -0.66
C ILE A 131 0.72 -0.20 -0.28
N ILE A 132 1.46 0.26 -1.28
CA ILE A 132 2.72 0.96 -1.03
C ILE A 132 2.76 2.42 -1.46
N GLN A 133 2.97 3.30 -0.50
CA GLN A 133 3.08 4.72 -0.79
C GLN A 133 4.57 5.02 -0.72
N ALA A 134 5.21 5.02 -1.88
CA ALA A 134 6.64 5.26 -1.95
C ALA A 134 7.19 5.48 -3.36
N CYS A 135 8.40 6.00 -3.37
CA CYS A 135 9.26 6.37 -4.49
C CYS A 135 9.75 5.04 -5.04
N ARG A 136 9.79 4.96 -6.36
CA ARG A 136 10.26 3.77 -7.02
C ARG A 136 11.37 4.27 -7.93
N GLY A 137 11.93 5.41 -7.56
CA GLY A 137 12.99 6.02 -8.34
C GLY A 137 12.95 7.53 -8.24
N THR A 138 13.77 8.21 -9.04
CA THR A 138 13.83 9.66 -9.04
C THR A 138 13.57 10.24 -10.42
N GLU A 139 12.71 9.58 -11.19
CA GLU A 139 12.37 10.03 -12.52
C GLU A 139 11.14 10.92 -12.38
N LEU A 140 11.03 11.96 -13.21
CA LEU A 140 9.90 12.88 -13.12
C LEU A 140 8.99 12.84 -14.34
N ASP A 141 7.68 12.77 -14.08
CA ASP A 141 6.67 12.75 -15.13
C ASP A 141 6.17 14.17 -15.31
N CYS A 142 6.61 14.83 -16.38
CA CYS A 142 6.23 16.22 -16.66
C CYS A 142 4.81 16.40 -17.20
N GLY A 143 4.20 15.31 -17.65
CA GLY A 143 2.85 15.40 -18.16
C GLY A 143 2.78 15.78 -19.63
N ILE A 144 1.60 15.62 -20.22
CA ILE A 144 1.37 15.92 -21.62
C ILE A 144 -0.07 16.40 -21.83
N GLU A 145 -0.32 16.92 -23.04
CA GLU A 145 -1.63 17.45 -23.47
C GLU A 145 -2.09 18.57 -22.55
N LYS B 11 -3.87 -27.89 -6.57
CA LYS B 11 -2.55 -27.20 -6.38
C LYS B 11 -2.47 -25.85 -7.13
N ILE B 12 -1.97 -24.82 -6.46
CA ILE B 12 -1.84 -23.47 -7.05
C ILE B 12 -0.46 -22.82 -6.91
N PRO B 13 -0.19 -21.79 -7.73
CA PRO B 13 1.10 -21.10 -7.66
C PRO B 13 1.28 -20.43 -6.28
N VAL B 14 2.46 -20.56 -5.69
CA VAL B 14 2.71 -19.96 -4.39
C VAL B 14 2.83 -18.44 -4.46
N GLU B 15 2.85 -17.89 -5.67
CA GLU B 15 2.94 -16.44 -5.84
C GLU B 15 1.60 -15.84 -6.22
N ALA B 16 0.56 -16.67 -6.18
CA ALA B 16 -0.78 -16.23 -6.55
C ALA B 16 -1.54 -15.54 -5.41
N ASP B 17 -2.61 -14.86 -5.79
CA ASP B 17 -3.48 -14.16 -4.85
C ASP B 17 -2.83 -12.99 -4.14
N PHE B 18 -1.82 -12.42 -4.77
CA PHE B 18 -1.13 -11.26 -4.26
C PHE B 18 -1.57 -10.09 -5.10
N LEU B 19 -1.51 -8.89 -4.53
CA LEU B 19 -1.85 -7.70 -5.28
C LEU B 19 -1.06 -6.54 -4.71
N TYR B 20 -0.37 -5.83 -5.59
CA TYR B 20 0.42 -4.69 -5.17
C TYR B 20 -0.11 -3.41 -5.77
N ALA B 21 -0.68 -2.57 -4.91
CA ALA B 21 -1.19 -1.29 -5.32
C ALA B 21 -0.06 -0.28 -5.09
N TYR B 22 0.58 0.17 -6.16
CA TYR B 22 1.67 1.13 -6.06
C TYR B 22 1.18 2.55 -6.26
N SER B 23 1.71 3.46 -5.45
CA SER B 23 1.33 4.87 -5.56
C SER B 23 1.80 5.45 -6.88
N THR B 24 2.89 4.91 -7.41
CA THR B 24 3.46 5.44 -8.66
C THR B 24 4.02 4.35 -9.57
N ALA B 25 4.40 4.78 -10.77
CA ALA B 25 4.97 3.90 -11.78
C ALA B 25 6.41 3.53 -11.43
N PRO B 26 6.93 2.45 -12.02
CA PRO B 26 8.30 2.01 -11.76
C PRO B 26 9.35 3.05 -12.15
N GLY B 27 10.27 3.32 -11.24
CA GLY B 27 11.35 4.26 -11.50
C GLY B 27 11.01 5.72 -11.28
N TYR B 28 9.79 6.00 -10.84
CA TYR B 28 9.36 7.37 -10.61
C TYR B 28 9.17 7.76 -9.16
N TYR B 29 9.14 9.07 -8.95
CA TYR B 29 8.90 9.66 -7.64
C TYR B 29 7.40 9.49 -7.36
N SER B 30 7.03 9.59 -6.09
CA SER B 30 5.63 9.53 -5.70
C SER B 30 5.46 10.83 -4.94
N TRP B 31 4.33 11.50 -5.11
CA TRP B 31 4.13 12.77 -4.43
C TRP B 31 3.24 12.75 -3.20
N ARG B 32 3.56 13.64 -2.28
CA ARG B 32 2.85 13.76 -1.02
C ARG B 32 2.69 15.23 -0.63
N ASN B 33 1.54 15.60 -0.09
CA ASN B 33 1.31 16.97 0.34
C ASN B 33 1.39 16.98 1.87
N SER B 34 2.20 17.88 2.43
CA SER B 34 2.38 17.92 3.88
C SER B 34 1.13 18.25 4.68
N LYS B 35 0.13 18.80 4.02
CA LYS B 35 -1.10 19.16 4.71
C LYS B 35 -2.22 18.12 4.57
N ASP B 36 -2.38 17.59 3.36
CA ASP B 36 -3.43 16.61 3.11
C ASP B 36 -3.02 15.14 3.09
N GLY B 37 -1.72 14.89 2.91
CA GLY B 37 -1.24 13.53 2.84
C GLY B 37 -0.85 13.23 1.40
N SER B 38 -0.45 11.99 1.12
CA SER B 38 -0.07 11.61 -0.24
C SER B 38 -1.29 11.60 -1.17
N TRP B 39 -1.06 11.88 -2.45
CA TRP B 39 -2.14 11.90 -3.42
C TRP B 39 -2.79 10.53 -3.51
N PHE B 40 -1.94 9.51 -3.64
CA PHE B 40 -2.41 8.15 -3.75
C PHE B 40 -3.32 7.73 -2.59
N ILE B 41 -2.86 7.92 -1.35
CA ILE B 41 -3.68 7.52 -0.22
C ILE B 41 -4.98 8.30 -0.11
N GLN B 42 -4.95 9.60 -0.37
CA GLN B 42 -6.15 10.43 -0.30
C GLN B 42 -7.20 9.81 -1.20
N SER B 43 -6.83 9.66 -2.47
CA SER B 43 -7.70 9.11 -3.50
C SER B 43 -8.18 7.69 -3.19
N LEU B 44 -7.27 6.85 -2.73
CA LEU B 44 -7.63 5.47 -2.40
C LEU B 44 -8.72 5.42 -1.33
N CYS B 45 -8.52 6.17 -0.24
CA CYS B 45 -9.47 6.18 0.85
C CYS B 45 -10.80 6.74 0.37
N ALA B 46 -10.74 7.79 -0.43
CA ALA B 46 -11.95 8.42 -0.97
C ALA B 46 -12.73 7.46 -1.87
N MET B 47 -12.03 6.80 -2.79
CA MET B 47 -12.68 5.86 -3.69
C MET B 47 -13.28 4.69 -2.95
N LEU B 48 -12.59 4.25 -1.90
CA LEU B 48 -13.08 3.13 -1.09
C LEU B 48 -14.30 3.55 -0.31
N LYS B 49 -14.31 4.79 0.17
CA LYS B 49 -15.45 5.28 0.93
C LYS B 49 -16.72 5.20 0.10
N GLN B 50 -16.73 5.82 -1.07
CA GLN B 50 -17.92 5.81 -1.89
C GLN B 50 -18.17 4.62 -2.78
N TYR B 51 -17.21 3.69 -2.90
CA TYR B 51 -17.40 2.56 -3.80
C TYR B 51 -17.20 1.14 -3.28
N ALA B 52 -16.64 0.99 -2.08
CA ALA B 52 -16.41 -0.35 -1.53
C ALA B 52 -17.68 -1.18 -1.46
N ASP B 53 -18.84 -0.52 -1.44
CA ASP B 53 -20.11 -1.22 -1.37
C ASP B 53 -20.70 -1.66 -2.71
N LYS B 54 -20.09 -1.27 -3.83
CA LYS B 54 -20.62 -1.70 -5.12
C LYS B 54 -19.65 -2.07 -6.24
N LEU B 55 -18.45 -1.50 -6.26
CA LEU B 55 -17.50 -1.84 -7.32
C LEU B 55 -16.54 -2.95 -6.94
N GLU B 56 -16.04 -3.69 -7.94
CA GLU B 56 -15.09 -4.76 -7.68
C GLU B 56 -13.78 -4.03 -7.46
N PHE B 57 -12.91 -4.59 -6.62
CA PHE B 57 -11.65 -3.93 -6.29
C PHE B 57 -10.78 -3.37 -7.42
N MET B 58 -10.61 -4.09 -8.51
CA MET B 58 -9.79 -3.59 -9.62
C MET B 58 -10.37 -2.28 -10.16
N HIS B 59 -11.70 -2.26 -10.31
CA HIS B 59 -12.38 -1.09 -10.81
C HIS B 59 -12.25 0.07 -9.86
N ILE B 60 -12.20 -0.20 -8.57
CA ILE B 60 -12.05 0.88 -7.61
C ILE B 60 -10.66 1.46 -7.80
N LEU B 61 -9.68 0.56 -7.97
CA LEU B 61 -8.30 0.99 -8.15
C LEU B 61 -8.11 1.77 -9.45
N THR B 62 -8.91 1.43 -10.47
CA THR B 62 -8.84 2.13 -11.74
C THR B 62 -9.33 3.56 -11.52
N ARG B 63 -10.35 3.72 -10.67
CA ARG B 63 -10.90 5.05 -10.35
C ARG B 63 -9.81 5.86 -9.66
N VAL B 64 -9.02 5.19 -8.83
CA VAL B 64 -7.94 5.86 -8.12
C VAL B 64 -6.92 6.38 -9.13
N ASN B 65 -6.63 5.56 -10.13
CA ASN B 65 -5.67 5.94 -11.16
C ASN B 65 -6.09 7.22 -11.86
N ARG B 66 -7.36 7.28 -12.26
CA ARG B 66 -7.86 8.47 -12.95
C ARG B 66 -7.79 9.69 -12.04
N LYS B 67 -8.22 9.54 -10.79
CA LYS B 67 -8.22 10.64 -9.87
C LYS B 67 -6.82 11.19 -9.67
N VAL B 68 -5.87 10.32 -9.35
CA VAL B 68 -4.50 10.75 -9.13
C VAL B 68 -3.88 11.38 -10.38
N ALA B 69 -4.19 10.80 -11.54
CA ALA B 69 -3.66 11.27 -12.81
C ALA B 69 -4.32 12.54 -13.34
N THR B 70 -5.55 12.78 -12.93
CA THR B 70 -6.28 13.94 -13.42
C THR B 70 -6.33 15.15 -12.51
N GLU B 71 -6.63 14.92 -11.23
CA GLU B 71 -6.78 16.01 -10.27
C GLU B 71 -5.55 16.48 -9.49
N PHE B 72 -4.41 15.85 -9.68
CA PHE B 72 -3.23 16.28 -8.94
C PHE B 72 -2.09 16.75 -9.84
N GLU B 73 -1.32 17.70 -9.31
CA GLU B 73 -0.19 18.29 -10.01
C GLU B 73 0.62 19.02 -8.95
N SER B 74 1.90 18.67 -8.83
CA SER B 74 2.75 19.28 -7.82
C SER B 74 2.91 20.79 -7.97
N PHE B 75 3.10 21.44 -6.83
CA PHE B 75 3.34 22.87 -6.78
C PHE B 75 4.61 22.98 -5.95
N SER B 76 5.60 23.64 -6.51
CA SER B 76 6.89 23.79 -5.85
C SER B 76 7.51 25.11 -6.25
N PHE B 77 8.18 25.75 -5.31
CA PHE B 77 8.86 27.01 -5.59
C PHE B 77 10.07 26.64 -6.44
N ASP B 78 10.51 25.40 -6.29
CA ASP B 78 11.64 24.87 -7.04
C ASP B 78 11.08 24.43 -8.40
N ALA B 79 11.49 25.13 -9.46
CA ALA B 79 11.02 24.87 -10.81
C ALA B 79 11.18 23.43 -11.30
N THR B 80 12.18 22.74 -10.79
CA THR B 80 12.41 21.37 -11.24
C THR B 80 11.42 20.34 -10.68
N PHE B 81 10.79 20.66 -9.55
CA PHE B 81 9.82 19.74 -8.95
C PHE B 81 8.41 20.29 -9.07
N HIS B 82 8.26 21.30 -9.93
CA HIS B 82 6.97 21.96 -10.13
C HIS B 82 6.18 21.46 -11.32
N ALA B 83 4.87 21.35 -11.14
CA ALA B 83 3.95 20.91 -12.19
C ALA B 83 4.21 19.49 -12.70
N LYS B 84 4.55 18.59 -11.80
CA LYS B 84 4.82 17.20 -12.17
C LYS B 84 3.55 16.38 -11.96
N LYS B 85 3.46 15.26 -12.66
CA LYS B 85 2.29 14.39 -12.55
C LYS B 85 2.64 13.05 -11.95
N GLN B 86 1.62 12.19 -11.82
CA GLN B 86 1.82 10.88 -11.23
C GLN B 86 0.72 9.92 -11.65
N ILE B 87 1.10 8.67 -11.92
CA ILE B 87 0.14 7.62 -12.30
C ILE B 87 0.41 6.40 -11.42
N PRO B 88 -0.59 5.98 -10.62
CA PRO B 88 -0.42 4.81 -9.75
C PRO B 88 -0.23 3.56 -10.61
N CYS B 89 0.22 2.48 -10.00
CA CYS B 89 0.49 1.24 -10.73
C CYS B 89 -0.12 0.03 -10.05
N ILE B 90 -1.06 -0.63 -10.72
CA ILE B 90 -1.71 -1.81 -10.15
C ILE B 90 -1.00 -3.08 -10.60
N VAL B 91 -0.60 -3.91 -9.65
CA VAL B 91 0.06 -5.16 -10.00
C VAL B 91 -0.76 -6.29 -9.43
N SER B 92 -1.61 -6.88 -10.28
CA SER B 92 -2.47 -7.97 -9.85
C SER B 92 -2.10 -9.37 -10.27
N MET B 93 -2.14 -10.26 -9.29
CA MET B 93 -1.88 -11.66 -9.51
C MET B 93 -2.99 -12.40 -8.81
N LEU B 94 -4.13 -11.73 -8.71
CA LEU B 94 -5.29 -12.31 -8.07
C LEU B 94 -5.93 -13.30 -9.06
N THR B 95 -6.72 -14.23 -8.55
CA THR B 95 -7.35 -15.21 -9.40
C THR B 95 -8.86 -15.06 -9.40
N LYS B 96 -9.37 -14.23 -8.51
CA LYS B 96 -10.79 -14.01 -8.41
C LYS B 96 -11.09 -12.53 -8.21
N GLU B 97 -12.34 -12.15 -8.48
CA GLU B 97 -12.74 -10.75 -8.31
C GLU B 97 -12.85 -10.48 -6.82
N LEU B 98 -12.60 -9.24 -6.41
CA LEU B 98 -12.66 -8.90 -5.00
C LEU B 98 -13.70 -7.86 -4.68
N TYR B 99 -14.64 -8.24 -3.81
CA TYR B 99 -15.72 -7.37 -3.37
C TYR B 99 -15.66 -7.30 -1.85
N PHE B 100 -15.61 -6.09 -1.30
CA PHE B 100 -15.55 -5.95 0.15
C PHE B 100 -16.90 -6.15 0.86
N TYR B 101 -17.94 -6.48 0.09
CA TYR B 101 -19.25 -6.71 0.70
C TYR B 101 -19.75 -8.13 0.47
C1 3CY C . 16.47 9.78 -3.95
C2 3CY C . 17.64 9.01 -4.10
C3 3CY C . 17.78 7.77 -3.43
C4 3CY C . 16.73 7.30 -2.60
C5 3CY C . 15.55 8.08 -2.44
C6 3CY C . 15.41 9.33 -3.12
C7 3CY C . 14.12 10.14 -2.93
S1 3CY C . 12.69 9.07 -2.66
C8 3CY C . 11.38 10.27 -2.33
C9 3CY C . 10.05 9.57 -2.01
C10 3CY C . 8.91 10.56 -1.65
O1 3CY C . 10.32 8.79 -1.03
N1 3CY C . 8.70 11.61 -2.61
C11 3CY C . 7.54 9.84 -1.42
C12 3CY C . 7.01 9.88 0.01
O2 3CY C . 5.85 9.60 0.23
O3 3CY C . 7.73 10.20 0.91
C13 3CY C . 8.92 12.86 -2.23
O4 3CY C . 9.32 13.20 -1.07
C21 3CY C . 9.77 15.84 -2.78
N2 3CY C . 8.53 15.25 -2.62
C14 3CY C . 8.61 13.94 -3.27
C15 3CY C . 9.67 14.16 -4.42
C16 3CY C . 10.45 15.26 -3.81
C17 3CY C . 11.74 15.73 -4.17
C18 3CY C . 12.31 16.80 -3.42
C19 3CY C . 11.60 17.38 -2.33
C20 3CY C . 10.30 16.91 -1.97
C22 3CY C . 9.51 17.47 -0.78
C23 3CY C . 8.00 17.80 -0.84
C24 3CY C . 7.26 17.34 -2.08
C25 3CY C . 7.32 15.81 -2.28
O5 3CY C . 6.25 15.15 -2.15
N3 3CY C . 5.85 17.73 -2.05
C26 3CY C . 5.47 18.94 -2.43
C27 3CY C . 3.95 19.18 -2.39
O6 3CY C . 6.23 19.88 -2.83
N4 3CY C . 3.65 20.49 -1.78
C30 3CY C . 3.54 20.65 -0.43
C31 3CY C . 3.24 22.09 -0.02
O9 3CY C . 3.66 19.73 0.43
C28 3CY C . 3.41 19.10 -3.85
C29 3CY C . 1.90 19.30 -3.98
O8 3CY C . 1.48 20.10 -4.78
O7 3CY C . 1.13 18.67 -3.29
#